data_5ZCK
# 
_entry.id   5ZCK 
# 
_audit_conform.dict_name       mmcif_pdbx.dic 
_audit_conform.dict_version    5.380 
_audit_conform.dict_location   http://mmcif.pdb.org/dictionaries/ascii/mmcif_pdbx.dic 
# 
loop_
_database_2.database_id 
_database_2.database_code 
_database_2.pdbx_database_accession 
_database_2.pdbx_DOI 
PDB   5ZCK         pdb_00005zck 10.2210/pdb5zck/pdb 
WWPDB D_1300006852 ?            ?                   
# 
_pdbx_database_status.status_code                     REL 
_pdbx_database_status.status_code_sf                  REL 
_pdbx_database_status.status_code_mr                  ? 
_pdbx_database_status.entry_id                        5ZCK 
_pdbx_database_status.recvd_initial_deposition_date   2018-02-18 
_pdbx_database_status.SG_entry                        N 
_pdbx_database_status.deposit_site                    PDBJ 
_pdbx_database_status.process_site                    PDBJ 
_pdbx_database_status.status_code_cs                  ? 
_pdbx_database_status.methods_development_category    ? 
_pdbx_database_status.pdb_format_compatible           Y 
_pdbx_database_status.status_code_nmr_data            ? 
# 
loop_
_audit_author.name 
_audit_author.pdbx_ordinal 
_audit_author.identifier_ORCID 
'Li, J.' 1 ? 
'Wu, H.' 2 ? 
# 
_citation.abstract                  ? 
_citation.abstract_id_CAS           ? 
_citation.book_id_ISBN              ? 
_citation.book_publisher            ? 
_citation.book_publisher_city       ? 
_citation.book_title                ? 
_citation.coordinate_linkage        ? 
_citation.country                   ? 
_citation.database_id_Medline       ? 
_citation.details                   ? 
_citation.id                        primary 
_citation.journal_abbrev            Cell 
_citation.journal_id_ASTM           ? 
_citation.journal_id_CSD            ? 
_citation.journal_id_ISSN           1097-4172 
_citation.journal_full              ? 
_citation.journal_issue             ? 
_citation.journal_volume            173 
_citation.language                  ? 
_citation.page_first                1244 
_citation.page_last                 1253.e10 
_citation.title                     'The Structure of the Necrosome RIPK1-RIPK3 Core, a Human Hetero-Amyloid Signaling Complex.' 
_citation.year                      2018 
_citation.database_id_CSD           ? 
_citation.pdbx_database_id_DOI      10.1016/j.cell.2018.03.032 
_citation.pdbx_database_id_PubMed   29681455 
_citation.unpublished_flag          ? 
# 
loop_
_citation_author.citation_id 
_citation_author.name 
_citation_author.ordinal 
_citation_author.identifier_ORCID 
primary 'Mompean, M.'     1 ? 
primary 'Li, W.'          2 ? 
primary 'Li, J.'          3 ? 
primary 'Laage, S.'       4 ? 
primary 'Siemer, A.B.'    5 ? 
primary 'Bozkurt, G.'     6 ? 
primary 'Wu, H.'          7 ? 
primary 'McDermott, A.E.' 8 ? 
# 
_cell.angle_alpha                  90.00 
_cell.angle_alpha_esd              ? 
_cell.angle_beta                   90.00 
_cell.angle_beta_esd               ? 
_cell.angle_gamma                  90.00 
_cell.angle_gamma_esd              ? 
_cell.entry_id                     5ZCK 
_cell.details                      ? 
_cell.formula_units_Z              ? 
_cell.length_a                     4.813 
_cell.length_a_esd                 ? 
_cell.length_b                     17.151 
_cell.length_b_esd                 ? 
_cell.length_c                     29.564 
_cell.length_c_esd                 ? 
_cell.volume                       ? 
_cell.volume_esd                   ? 
_cell.Z_PDB                        4 
_cell.reciprocal_angle_alpha       ? 
_cell.reciprocal_angle_beta        ? 
_cell.reciprocal_angle_gamma       ? 
_cell.reciprocal_angle_alpha_esd   ? 
_cell.reciprocal_angle_beta_esd    ? 
_cell.reciprocal_angle_gamma_esd   ? 
_cell.reciprocal_length_a          ? 
_cell.reciprocal_length_b          ? 
_cell.reciprocal_length_c          ? 
_cell.reciprocal_length_a_esd      ? 
_cell.reciprocal_length_b_esd      ? 
_cell.reciprocal_length_c_esd      ? 
_cell.pdbx_unique_axis             ? 
# 
_symmetry.entry_id                         5ZCK 
_symmetry.cell_setting                     ? 
_symmetry.Int_Tables_number                19 
_symmetry.space_group_name_Hall            ? 
_symmetry.space_group_name_H-M             'P 21 21 21' 
_symmetry.pdbx_full_space_group_name_H-M   ? 
# 
loop_
_entity.id 
_entity.type 
_entity.src_method 
_entity.pdbx_description 
_entity.formula_weight 
_entity.pdbx_number_of_molecules 
_entity.pdbx_ec 
_entity.pdbx_mutation 
_entity.pdbx_fragment 
_entity.details 
1 polymer     syn 'peptide from Receptor-interacting serine/threonine-protein kinase 3' 401.457 1 ? ? ? ? 
2 non-polymer syn 'SODIUM ION'                                                          22.990  1 ? ? ? ? 
3 water       nat water                                                                 18.015  2 ? ? ? ? 
# 
_entity_name_com.entity_id   1 
_entity_name_com.name        'RIP-3 core region' 
# 
_entity_poly.entity_id                      1 
_entity_poly.type                           'polypeptide(L)' 
_entity_poly.nstd_linkage                   no 
_entity_poly.nstd_monomer                   no 
_entity_poly.pdbx_seq_one_letter_code       VQVG 
_entity_poly.pdbx_seq_one_letter_code_can   VQVG 
_entity_poly.pdbx_strand_id                 A 
_entity_poly.pdbx_target_identifier         ? 
# 
loop_
_entity_poly_seq.entity_id 
_entity_poly_seq.num 
_entity_poly_seq.mon_id 
_entity_poly_seq.hetero 
1 1 VAL n 
1 2 GLN n 
1 3 VAL n 
1 4 GLY n 
# 
_pdbx_entity_src_syn.entity_id              1 
_pdbx_entity_src_syn.pdbx_src_id            1 
_pdbx_entity_src_syn.pdbx_alt_source_flag   sample 
_pdbx_entity_src_syn.pdbx_beg_seq_num       1 
_pdbx_entity_src_syn.pdbx_end_seq_num       4 
_pdbx_entity_src_syn.organism_scientific    'Homo sapiens' 
_pdbx_entity_src_syn.organism_common_name   Human 
_pdbx_entity_src_syn.ncbi_taxonomy_id       9606 
_pdbx_entity_src_syn.details                ? 
# 
_struct_ref.id                         1 
_struct_ref.db_name                    UNP 
_struct_ref.db_code                    RIPK3_HUMAN 
_struct_ref.pdbx_db_accession          Q9Y572 
_struct_ref.pdbx_db_isoform            ? 
_struct_ref.entity_id                  1 
_struct_ref.pdbx_seq_one_letter_code   VQVG 
_struct_ref.pdbx_align_begin           458 
# 
_struct_ref_seq.align_id                      1 
_struct_ref_seq.ref_id                        1 
_struct_ref_seq.pdbx_PDB_id_code              5ZCK 
_struct_ref_seq.pdbx_strand_id                A 
_struct_ref_seq.seq_align_beg                 1 
_struct_ref_seq.pdbx_seq_align_beg_ins_code   ? 
_struct_ref_seq.seq_align_end                 4 
_struct_ref_seq.pdbx_seq_align_end_ins_code   ? 
_struct_ref_seq.pdbx_db_accession             Q9Y572 
_struct_ref_seq.db_align_beg                  458 
_struct_ref_seq.pdbx_db_align_beg_ins_code    ? 
_struct_ref_seq.db_align_end                  461 
_struct_ref_seq.pdbx_db_align_end_ins_code    ? 
_struct_ref_seq.pdbx_auth_seq_align_beg       1 
_struct_ref_seq.pdbx_auth_seq_align_end       4 
# 
loop_
_chem_comp.id 
_chem_comp.type 
_chem_comp.mon_nstd_flag 
_chem_comp.name 
_chem_comp.pdbx_synonyms 
_chem_comp.formula 
_chem_comp.formula_weight 
GLN 'L-peptide linking' y GLUTAMINE    ? 'C5 H10 N2 O3' 146.144 
GLY 'peptide linking'   y GLYCINE      ? 'C2 H5 N O2'   75.067  
HOH non-polymer         . WATER        ? 'H2 O'         18.015  
NA  non-polymer         . 'SODIUM ION' ? 'Na 1'         22.990  
VAL 'L-peptide linking' y VALINE       ? 'C5 H11 N O2'  117.146 
# 
_exptl.absorpt_coefficient_mu     ? 
_exptl.absorpt_correction_T_max   ? 
_exptl.absorpt_correction_T_min   ? 
_exptl.absorpt_correction_type    ? 
_exptl.absorpt_process_details    ? 
_exptl.entry_id                   5ZCK 
_exptl.crystals_number            1 
_exptl.details                    ? 
_exptl.method                     'X-RAY DIFFRACTION' 
_exptl.method_details             ? 
# 
_exptl_crystal.colour                      ? 
_exptl_crystal.density_diffrn              ? 
_exptl_crystal.density_Matthews            1.52 
_exptl_crystal.density_method              ? 
_exptl_crystal.density_percent_sol         19.07 
_exptl_crystal.description                 'long needles' 
_exptl_crystal.F_000                       ? 
_exptl_crystal.id                          1 
_exptl_crystal.preparation                 ? 
_exptl_crystal.size_max                    ? 
_exptl_crystal.size_mid                    ? 
_exptl_crystal.size_min                    ? 
_exptl_crystal.size_rad                    ? 
_exptl_crystal.colour_lustre               ? 
_exptl_crystal.colour_modifier             ? 
_exptl_crystal.colour_primary              ? 
_exptl_crystal.density_meas                ? 
_exptl_crystal.density_meas_esd            ? 
_exptl_crystal.density_meas_gt             ? 
_exptl_crystal.density_meas_lt             ? 
_exptl_crystal.density_meas_temp           ? 
_exptl_crystal.density_meas_temp_esd       ? 
_exptl_crystal.density_meas_temp_gt        ? 
_exptl_crystal.density_meas_temp_lt        ? 
_exptl_crystal.pdbx_crystal_image_url      ? 
_exptl_crystal.pdbx_crystal_image_format   ? 
_exptl_crystal.pdbx_mosaicity              ? 
_exptl_crystal.pdbx_mosaicity_esd          ? 
# 
_exptl_crystal_grow.apparatus       ? 
_exptl_crystal_grow.atmosphere      ? 
_exptl_crystal_grow.crystal_id      1 
_exptl_crystal_grow.details         ? 
_exptl_crystal_grow.method          'VAPOR DIFFUSION, HANGING DROP' 
_exptl_crystal_grow.method_ref      ? 
_exptl_crystal_grow.pH              6.5 
_exptl_crystal_grow.pressure        ? 
_exptl_crystal_grow.pressure_esd    ? 
_exptl_crystal_grow.seeding         ? 
_exptl_crystal_grow.seeding_ref     ? 
_exptl_crystal_grow.temp            293 
_exptl_crystal_grow.temp_details    ? 
_exptl_crystal_grow.temp_esd        ? 
_exptl_crystal_grow.time            ? 
_exptl_crystal_grow.pdbx_details    '0.2 M magnesium chloride, 0.1 M sodium cacodylate, 20% (v/v) PEG 200' 
_exptl_crystal_grow.pdbx_pH_range   ? 
# 
_diffrn.ambient_environment    ? 
_diffrn.ambient_temp           100 
_diffrn.ambient_temp_details   ? 
_diffrn.ambient_temp_esd       ? 
_diffrn.crystal_id             1 
_diffrn.crystal_support        ? 
_diffrn.crystal_treatment      ? 
_diffrn.details                ? 
_diffrn.id                     1 
_diffrn.ambient_pressure       ? 
_diffrn.ambient_pressure_esd   ? 
_diffrn.ambient_pressure_gt    ? 
_diffrn.ambient_pressure_lt    ? 
_diffrn.ambient_temp_gt        ? 
_diffrn.ambient_temp_lt        ? 
# 
_diffrn_detector.details                      ? 
_diffrn_detector.detector                     PIXEL 
_diffrn_detector.diffrn_id                    1 
_diffrn_detector.type                         'DECTRIS PILATUS 6M' 
_diffrn_detector.area_resol_mean              ? 
_diffrn_detector.dtime                        ? 
_diffrn_detector.pdbx_frames_total            ? 
_diffrn_detector.pdbx_collection_time_total   ? 
_diffrn_detector.pdbx_collection_date         2015-10-08 
# 
_diffrn_radiation.collimation                      ? 
_diffrn_radiation.diffrn_id                        1 
_diffrn_radiation.filter_edge                      ? 
_diffrn_radiation.inhomogeneity                    ? 
_diffrn_radiation.monochromator                    ? 
_diffrn_radiation.polarisn_norm                    ? 
_diffrn_radiation.polarisn_ratio                   ? 
_diffrn_radiation.probe                            ? 
_diffrn_radiation.type                             ? 
_diffrn_radiation.xray_symbol                      ? 
_diffrn_radiation.wavelength_id                    1 
_diffrn_radiation.pdbx_monochromatic_or_laue_m_l   M 
_diffrn_radiation.pdbx_wavelength_list             ? 
_diffrn_radiation.pdbx_wavelength                  ? 
_diffrn_radiation.pdbx_diffrn_protocol             'SINGLE WAVELENGTH' 
_diffrn_radiation.pdbx_analyzer                    ? 
_diffrn_radiation.pdbx_scattering_type             x-ray 
# 
_diffrn_radiation_wavelength.id           1 
_diffrn_radiation_wavelength.wavelength   0.987 
_diffrn_radiation_wavelength.wt           1.0 
# 
_diffrn_source.current                     ? 
_diffrn_source.details                     ? 
_diffrn_source.diffrn_id                   1 
_diffrn_source.power                       ? 
_diffrn_source.size                        ? 
_diffrn_source.source                      SYNCHROTRON 
_diffrn_source.target                      ? 
_diffrn_source.type                        'SSRF BEAMLINE BL19U1' 
_diffrn_source.voltage                     ? 
_diffrn_source.take-off_angle              ? 
_diffrn_source.pdbx_wavelength_list        0.987 
_diffrn_source.pdbx_wavelength             ? 
_diffrn_source.pdbx_synchrotron_beamline   BL19U1 
_diffrn_source.pdbx_synchrotron_site       SSRF 
# 
_reflns.B_iso_Wilson_estimate            7 
_reflns.entry_id                         5ZCK 
_reflns.data_reduction_details           ? 
_reflns.data_reduction_method            ? 
_reflns.d_resolution_high                1.27 
_reflns.d_resolution_low                 14.83 
_reflns.details                          ? 
_reflns.limit_h_max                      ? 
_reflns.limit_h_min                      ? 
_reflns.limit_k_max                      ? 
_reflns.limit_k_min                      ? 
_reflns.limit_l_max                      ? 
_reflns.limit_l_min                      ? 
_reflns.number_all                       ? 
_reflns.number_obs                       776 
_reflns.observed_criterion               ? 
_reflns.observed_criterion_F_max         ? 
_reflns.observed_criterion_F_min         ? 
_reflns.observed_criterion_I_max         ? 
_reflns.observed_criterion_I_min         ? 
_reflns.observed_criterion_sigma_F       ? 
_reflns.observed_criterion_sigma_I       ? 
_reflns.percent_possible_obs             98.2 
_reflns.R_free_details                   ? 
_reflns.Rmerge_F_all                     ? 
_reflns.Rmerge_F_obs                     ? 
_reflns.Friedel_coverage                 ? 
_reflns.number_gt                        ? 
_reflns.threshold_expression             ? 
_reflns.pdbx_redundancy                  20 
_reflns.pdbx_Rmerge_I_obs                0.085 
_reflns.pdbx_Rmerge_I_all                ? 
_reflns.pdbx_Rsym_value                  ? 
_reflns.pdbx_netI_over_av_sigmaI         ? 
_reflns.pdbx_netI_over_sigmaI            54.5 
_reflns.pdbx_res_netI_over_av_sigmaI_2   ? 
_reflns.pdbx_res_netI_over_sigmaI_2      ? 
_reflns.pdbx_chi_squared                 ? 
_reflns.pdbx_scaling_rejects             ? 
_reflns.pdbx_d_res_high_opt              ? 
_reflns.pdbx_d_res_low_opt               ? 
_reflns.pdbx_d_res_opt_method            ? 
_reflns.phase_calculation_details        ? 
_reflns.pdbx_Rrim_I_all                  ? 
_reflns.pdbx_Rpim_I_all                  ? 
_reflns.pdbx_d_opt                       ? 
_reflns.pdbx_number_measured_all         ? 
_reflns.pdbx_diffrn_id                   1 
_reflns.pdbx_ordinal                     1 
_reflns.pdbx_CC_half                     ? 
_reflns.pdbx_R_split                     ? 
# 
_reflns_shell.d_res_high                  1.27 
_reflns_shell.d_res_low                   1.32 
_reflns_shell.meanI_over_sigI_all         ? 
_reflns_shell.meanI_over_sigI_obs         ? 
_reflns_shell.number_measured_all         ? 
_reflns_shell.number_measured_obs         ? 
_reflns_shell.number_possible             ? 
_reflns_shell.number_unique_all           ? 
_reflns_shell.number_unique_obs           ? 
_reflns_shell.percent_possible_all        98.4 
_reflns_shell.percent_possible_obs        ? 
_reflns_shell.Rmerge_F_all                ? 
_reflns_shell.Rmerge_F_obs                ? 
_reflns_shell.Rmerge_I_all                ? 
_reflns_shell.Rmerge_I_obs                ? 
_reflns_shell.meanI_over_sigI_gt          ? 
_reflns_shell.meanI_over_uI_all           ? 
_reflns_shell.meanI_over_uI_gt            ? 
_reflns_shell.number_measured_gt          ? 
_reflns_shell.number_unique_gt            ? 
_reflns_shell.percent_possible_gt         ? 
_reflns_shell.Rmerge_F_gt                 ? 
_reflns_shell.Rmerge_I_gt                 ? 
_reflns_shell.pdbx_redundancy             ? 
_reflns_shell.pdbx_Rsym_value             ? 
_reflns_shell.pdbx_chi_squared            ? 
_reflns_shell.pdbx_netI_over_sigmaI_all   ? 
_reflns_shell.pdbx_netI_over_sigmaI_obs   ? 
_reflns_shell.pdbx_Rrim_I_all             ? 
_reflns_shell.pdbx_Rpim_I_all             ? 
_reflns_shell.pdbx_rejects                ? 
_reflns_shell.pdbx_ordinal                1 
_reflns_shell.pdbx_diffrn_id              1 
_reflns_shell.pdbx_CC_half                ? 
_reflns_shell.pdbx_R_split                ? 
# 
_refine.aniso_B[1][1]                            ? 
_refine.aniso_B[1][2]                            ? 
_refine.aniso_B[1][3]                            ? 
_refine.aniso_B[2][2]                            ? 
_refine.aniso_B[2][3]                            ? 
_refine.aniso_B[3][3]                            ? 
_refine.B_iso_max                                ? 
_refine.B_iso_mean                               ? 
_refine.B_iso_min                                ? 
_refine.correlation_coeff_Fo_to_Fc               ? 
_refine.correlation_coeff_Fo_to_Fc_free          ? 
_refine.details                                  ? 
_refine.diff_density_max                         ? 
_refine.diff_density_max_esd                     ? 
_refine.diff_density_min                         ? 
_refine.diff_density_min_esd                     ? 
_refine.diff_density_rms                         ? 
_refine.diff_density_rms_esd                     ? 
_refine.entry_id                                 5ZCK 
_refine.pdbx_refine_id                           'X-RAY DIFFRACTION' 
_refine.ls_abs_structure_details                 ? 
_refine.ls_abs_structure_Flack                   ? 
_refine.ls_abs_structure_Flack_esd               ? 
_refine.ls_abs_structure_Rogers                  ? 
_refine.ls_abs_structure_Rogers_esd              ? 
_refine.ls_d_res_high                            1.271 
_refine.ls_d_res_low                             14.83 
_refine.ls_extinction_coef                       ? 
_refine.ls_extinction_coef_esd                   ? 
_refine.ls_extinction_expression                 ? 
_refine.ls_extinction_method                     ? 
_refine.ls_goodness_of_fit_all                   ? 
_refine.ls_goodness_of_fit_all_esd               ? 
_refine.ls_goodness_of_fit_obs                   ? 
_refine.ls_goodness_of_fit_obs_esd               ? 
_refine.ls_hydrogen_treatment                    ? 
_refine.ls_matrix_type                           ? 
_refine.ls_number_constraints                    ? 
_refine.ls_number_parameters                     ? 
_refine.ls_number_reflns_all                     ? 
_refine.ls_number_reflns_obs                     776 
_refine.ls_number_reflns_R_free                  79 
_refine.ls_number_reflns_R_work                  ? 
_refine.ls_number_restraints                     ? 
_refine.ls_percent_reflns_obs                    98.23 
_refine.ls_percent_reflns_R_free                 10.18 
_refine.ls_R_factor_all                          ? 
_refine.ls_R_factor_obs                          0.1386 
_refine.ls_R_factor_R_free                       0.1525 
_refine.ls_R_factor_R_free_error                 ? 
_refine.ls_R_factor_R_free_error_details         ? 
_refine.ls_R_factor_R_work                       0.1371 
_refine.ls_R_Fsqd_factor_obs                     ? 
_refine.ls_R_I_factor_obs                        ? 
_refine.ls_redundancy_reflns_all                 ? 
_refine.ls_redundancy_reflns_obs                 ? 
_refine.ls_restrained_S_all                      ? 
_refine.ls_restrained_S_obs                      ? 
_refine.ls_shift_over_esd_max                    ? 
_refine.ls_shift_over_esd_mean                   ? 
_refine.ls_structure_factor_coef                 ? 
_refine.ls_weighting_details                     ? 
_refine.ls_weighting_scheme                      ? 
_refine.ls_wR_factor_all                         ? 
_refine.ls_wR_factor_obs                         ? 
_refine.ls_wR_factor_R_free                      ? 
_refine.ls_wR_factor_R_work                      ? 
_refine.occupancy_max                            ? 
_refine.occupancy_min                            ? 
_refine.solvent_model_details                    ? 
_refine.solvent_model_param_bsol                 ? 
_refine.solvent_model_param_ksol                 ? 
_refine.ls_R_factor_gt                           ? 
_refine.ls_goodness_of_fit_gt                    ? 
_refine.ls_goodness_of_fit_ref                   ? 
_refine.ls_shift_over_su_max                     ? 
_refine.ls_shift_over_su_max_lt                  ? 
_refine.ls_shift_over_su_mean                    ? 
_refine.ls_shift_over_su_mean_lt                 ? 
_refine.pdbx_ls_sigma_I                          ? 
_refine.pdbx_ls_sigma_F                          1.38 
_refine.pdbx_ls_sigma_Fsqd                       ? 
_refine.pdbx_data_cutoff_high_absF               ? 
_refine.pdbx_data_cutoff_high_rms_absF           ? 
_refine.pdbx_data_cutoff_low_absF                ? 
_refine.pdbx_isotropic_thermal_model             ? 
_refine.pdbx_ls_cross_valid_method               'FREE R-VALUE' 
_refine.pdbx_method_to_determine_struct          'MOLECULAR REPLACEMENT' 
_refine.pdbx_starting_model                      2ON9 
_refine.pdbx_stereochemistry_target_values       ? 
_refine.pdbx_R_Free_selection_details            'Random selection' 
_refine.pdbx_stereochem_target_val_spec_case     ? 
_refine.pdbx_overall_ESU_R                       ? 
_refine.pdbx_overall_ESU_R_Free                  ? 
_refine.pdbx_solvent_vdw_probe_radii             1.11 
_refine.pdbx_solvent_ion_probe_radii             ? 
_refine.pdbx_solvent_shrinkage_radii             0.90 
_refine.pdbx_real_space_R                        ? 
_refine.pdbx_density_correlation                 ? 
_refine.pdbx_pd_number_of_powder_patterns        ? 
_refine.pdbx_pd_number_of_points                 ? 
_refine.pdbx_pd_meas_number_of_points            ? 
_refine.pdbx_pd_proc_ls_prof_R_factor            ? 
_refine.pdbx_pd_proc_ls_prof_wR_factor           ? 
_refine.pdbx_pd_Marquardt_correlation_coeff      ? 
_refine.pdbx_pd_Fsqrd_R_factor                   ? 
_refine.pdbx_pd_ls_matrix_band_width             ? 
_refine.pdbx_overall_phase_error                 14.42 
_refine.pdbx_overall_SU_R_free_Cruickshank_DPI   ? 
_refine.pdbx_overall_SU_R_free_Blow_DPI          ? 
_refine.pdbx_overall_SU_R_Blow_DPI               ? 
_refine.pdbx_TLS_residual_ADP_flag               ? 
_refine.pdbx_diffrn_id                           1 
_refine.overall_SU_B                             ? 
_refine.overall_SU_ML                            0.07 
_refine.overall_SU_R_Cruickshank_DPI             ? 
_refine.overall_SU_R_free                        ? 
_refine.overall_FOM_free_R_set                   ? 
_refine.overall_FOM_work_R_set                   ? 
_refine.pdbx_average_fsc_overall                 ? 
_refine.pdbx_average_fsc_work                    ? 
_refine.pdbx_average_fsc_free                    ? 
# 
_refine_hist.pdbx_refine_id                   'X-RAY DIFFRACTION' 
_refine_hist.cycle_id                         LAST 
_refine_hist.pdbx_number_atoms_protein        28 
_refine_hist.pdbx_number_atoms_nucleic_acid   0 
_refine_hist.pdbx_number_atoms_ligand         1 
_refine_hist.number_atoms_solvent             2 
_refine_hist.number_atoms_total               31 
_refine_hist.d_res_high                       1.271 
_refine_hist.d_res_low                        14.83 
# 
loop_
_refine_ls_restr.pdbx_refine_id 
_refine_ls_restr.criterion 
_refine_ls_restr.dev_ideal 
_refine_ls_restr.dev_ideal_target 
_refine_ls_restr.number 
_refine_ls_restr.rejects 
_refine_ls_restr.type 
_refine_ls_restr.weight 
_refine_ls_restr.pdbx_restraint_function 
'X-RAY DIFFRACTION' ? 0.007  ? 27 ? f_bond_d           ? ? 
'X-RAY DIFFRACTION' ? 1.024  ? 36 ? f_angle_d          ? ? 
'X-RAY DIFFRACTION' ? 14.092 ? 9  ? f_dihedral_angle_d ? ? 
'X-RAY DIFFRACTION' ? 0.049  ? 5  ? f_chiral_restr     ? ? 
'X-RAY DIFFRACTION' ? 0.001  ? 5  ? f_plane_restr      ? ? 
# 
_refine_ls_shell.pdbx_refine_id                   'X-RAY DIFFRACTION' 
_refine_ls_shell.d_res_high                       1.271 
_refine_ls_shell.d_res_low                        1.32 
_refine_ls_shell.number_reflns_all                ? 
_refine_ls_shell.number_reflns_obs                ? 
_refine_ls_shell.number_reflns_R_free             79 
_refine_ls_shell.number_reflns_R_work             697 
_refine_ls_shell.percent_reflns_obs               98.00 
_refine_ls_shell.percent_reflns_R_free            ? 
_refine_ls_shell.R_factor_all                     ? 
_refine_ls_shell.R_factor_obs                     ? 
_refine_ls_shell.R_factor_R_free                  0.1525 
_refine_ls_shell.R_factor_R_free_error            ? 
_refine_ls_shell.R_factor_R_work                  0.1371 
_refine_ls_shell.redundancy_reflns_all            ? 
_refine_ls_shell.redundancy_reflns_obs            ? 
_refine_ls_shell.wR_factor_all                    ? 
_refine_ls_shell.wR_factor_obs                    ? 
_refine_ls_shell.wR_factor_R_free                 ? 
_refine_ls_shell.wR_factor_R_work                 ? 
_refine_ls_shell.pdbx_total_number_of_bins_used   ? 
_refine_ls_shell.pdbx_phase_error                 ? 
_refine_ls_shell.pdbx_fsc_work                    ? 
_refine_ls_shell.pdbx_fsc_free                    ? 
# 
_struct.entry_id                     5ZCK 
_struct.title                        'Structure of the RIP3 core region' 
_struct.pdbx_model_details           ? 
_struct.pdbx_formula_weight          ? 
_struct.pdbx_formula_weight_method   ? 
_struct.pdbx_model_type_details      ? 
_struct.pdbx_CASP_flag               N 
# 
_struct_keywords.entry_id        5ZCK 
_struct_keywords.text            'RIP3, Core region, PROTEIN FIBRIL' 
_struct_keywords.pdbx_keywords   'PROTEIN FIBRIL' 
# 
loop_
_struct_asym.id 
_struct_asym.pdbx_blank_PDB_chainid_flag 
_struct_asym.pdbx_modified 
_struct_asym.entity_id 
_struct_asym.details 
A N N 1 ? 
B N N 2 ? 
C N N 3 ? 
# 
loop_
_struct_conn.id 
_struct_conn.conn_type_id 
_struct_conn.pdbx_leaving_atom_flag 
_struct_conn.pdbx_PDB_id 
_struct_conn.ptnr1_label_asym_id 
_struct_conn.ptnr1_label_comp_id 
_struct_conn.ptnr1_label_seq_id 
_struct_conn.ptnr1_label_atom_id 
_struct_conn.pdbx_ptnr1_label_alt_id 
_struct_conn.pdbx_ptnr1_PDB_ins_code 
_struct_conn.pdbx_ptnr1_standard_comp_id 
_struct_conn.ptnr1_symmetry 
_struct_conn.ptnr2_label_asym_id 
_struct_conn.ptnr2_label_comp_id 
_struct_conn.ptnr2_label_seq_id 
_struct_conn.ptnr2_label_atom_id 
_struct_conn.pdbx_ptnr2_label_alt_id 
_struct_conn.pdbx_ptnr2_PDB_ins_code 
_struct_conn.ptnr1_auth_asym_id 
_struct_conn.ptnr1_auth_comp_id 
_struct_conn.ptnr1_auth_seq_id 
_struct_conn.ptnr2_auth_asym_id 
_struct_conn.ptnr2_auth_comp_id 
_struct_conn.ptnr2_auth_seq_id 
_struct_conn.ptnr2_symmetry 
_struct_conn.pdbx_ptnr3_label_atom_id 
_struct_conn.pdbx_ptnr3_label_seq_id 
_struct_conn.pdbx_ptnr3_label_comp_id 
_struct_conn.pdbx_ptnr3_label_asym_id 
_struct_conn.pdbx_ptnr3_label_alt_id 
_struct_conn.pdbx_ptnr3_PDB_ins_code 
_struct_conn.details 
_struct_conn.pdbx_dist_value 
_struct_conn.pdbx_value_order 
_struct_conn.pdbx_role 
metalc1 metalc ? ? B NA . NA ? ? ? 1_555 C HOH . O ? ? A NA 101 A HOH 201 2_555 ? ? ? ? ? ? ? 3.160 ? ? 
metalc2 metalc ? ? B NA . NA ? ? ? 1_555 C HOH . O ? ? A NA 101 A HOH 202 1_555 ? ? ? ? ? ? ? 2.378 ? ? 
metalc3 metalc ? ? B NA . NA ? ? ? 1_555 C HOH . O ? ? A NA 101 A HOH 202 1_455 ? ? ? ? ? ? ? 2.586 ? ? 
# 
_struct_conn_type.id          metalc 
_struct_conn_type.criteria    ? 
_struct_conn_type.reference   ? 
# 
_struct_site.id                   AC1 
_struct_site.pdbx_evidence_code   Software 
_struct_site.pdbx_auth_asym_id    A 
_struct_site.pdbx_auth_comp_id    NA 
_struct_site.pdbx_auth_seq_id     101 
_struct_site.pdbx_auth_ins_code   ? 
_struct_site.pdbx_num_residues    3 
_struct_site.details              'binding site for residue NA A 101' 
# 
loop_
_struct_site_gen.id 
_struct_site_gen.site_id 
_struct_site_gen.pdbx_num_res 
_struct_site_gen.label_comp_id 
_struct_site_gen.label_asym_id 
_struct_site_gen.label_seq_id 
_struct_site_gen.pdbx_auth_ins_code 
_struct_site_gen.auth_comp_id 
_struct_site_gen.auth_asym_id 
_struct_site_gen.auth_seq_id 
_struct_site_gen.label_atom_id 
_struct_site_gen.label_alt_id 
_struct_site_gen.symmetry 
_struct_site_gen.details 
1 AC1 3 VAL A 1 ? VAL A 1   . ? 1_455 ? 
2 AC1 3 HOH C . ? HOH A 202 . ? 1_555 ? 
3 AC1 3 HOH C . ? HOH A 202 . ? 1_455 ? 
# 
_atom_sites.entry_id                    5ZCK 
_atom_sites.fract_transf_matrix[1][1]   -0.07860735 
_atom_sites.fract_transf_matrix[1][2]   0.00641347 
_atom_sites.fract_transf_matrix[1][3]   -0.19222003 
_atom_sites.fract_transf_matrix[2][1]   -0.05395548 
_atom_sites.fract_transf_matrix[2][2]   0.00070644 
_atom_sites.fract_transf_matrix[2][3]   0.02208837 
_atom_sites.fract_transf_matrix[3][1]   0.00077470 
_atom_sites.fract_transf_matrix[3][2]   0.03380640 
_atom_sites.fract_transf_matrix[3][3]   0.00081115 
_atom_sites.fract_transf_vector[1]      0.515947 
_atom_sites.fract_transf_vector[2]      -0.013279 
_atom_sites.fract_transf_vector[3]      -0.020726 
# 
loop_
_atom_type.symbol 
C  
N  
NA 
O  
# 
loop_
_atom_site.group_PDB 
_atom_site.id 
_atom_site.type_symbol 
_atom_site.label_atom_id 
_atom_site.label_alt_id 
_atom_site.label_comp_id 
_atom_site.label_asym_id 
_atom_site.label_entity_id 
_atom_site.label_seq_id 
_atom_site.pdbx_PDB_ins_code 
_atom_site.Cartn_x 
_atom_site.Cartn_y 
_atom_site.Cartn_z 
_atom_site.occupancy 
_atom_site.B_iso_or_equiv 
_atom_site.pdbx_formal_charge 
_atom_site.auth_seq_id 
_atom_site.auth_comp_id 
_atom_site.auth_asym_id 
_atom_site.auth_atom_id 
_atom_site.pdbx_PDB_model_num 
ATOM   1  N  N   . VAL A 1 1 ? -0.288 6.264  0.047  1.00 3.99  ? 1   VAL A N   1 
ATOM   2  C  CA  . VAL A 1 1 ? -0.693 4.983  0.620  1.00 2.56  ? 1   VAL A CA  1 
ATOM   3  C  C   . VAL A 1 1 ? -0.222 3.841  -0.267 1.00 1.92  ? 1   VAL A C   1 
ATOM   4  O  O   . VAL A 1 1 ? -0.481 3.845  -1.475 1.00 3.19  ? 1   VAL A O   1 
ATOM   5  C  CB  . VAL A 1 1 ? -2.223 4.876  0.781  1.00 3.07  ? 1   VAL A CB  1 
ATOM   6  C  CG1 . VAL A 1 1 ? -2.598 3.513  1.382  1.00 3.77  ? 1   VAL A CG1 1 
ATOM   7  C  CG2 . VAL A 1 1 ? -2.765 6.017  1.625  1.00 3.43  ? 1   VAL A CG2 1 
ATOM   8  N  N   . GLN A 1 2 ? 0.464  2.874  0.338  1.00 1.70  ? 2   GLN A N   1 
ATOM   9  C  CA  . GLN A 1 2 ? 0.883  1.654  -0.344 1.00 2.36  ? 2   GLN A CA  1 
ATOM   10 C  C   . GLN A 1 2 ? 0.402  0.452  0.460  1.00 1.55  ? 2   GLN A C   1 
ATOM   11 O  O   . GLN A 1 2 ? 0.695  0.351  1.656  1.00 2.33  ? 2   GLN A O   1 
ATOM   12 C  CB  . GLN A 1 2 ? 2.404  1.620  -0.508 1.00 2.10  ? 2   GLN A CB  1 
ATOM   13 C  CG  . GLN A 1 2 ? 2.920  2.727  -1.422 1.00 2.52  ? 2   GLN A CG  1 
ATOM   14 C  CD  . GLN A 1 2 ? 4.421  2.867  -1.377 1.00 2.31  ? 2   GLN A CD  1 
ATOM   15 O  OE1 . GLN A 1 2 ? 5.033  2.751  -0.309 1.00 3.55  ? 2   GLN A OE1 1 
ATOM   16 N  NE2 . GLN A 1 2 ? 5.032  3.110  -2.532 1.00 3.01  ? 2   GLN A NE2 1 
ATOM   17 N  N   . VAL A 1 3 ? -0.345 -0.437 -0.193 1.00 1.93  ? 3   VAL A N   1 
ATOM   18 C  CA  . VAL A 1 3 ? -0.828 -1.663 0.424  1.00 2.29  ? 3   VAL A CA  1 
ATOM   19 C  C   . VAL A 1 3 ? -0.451 -2.825 -0.476 1.00 2.06  ? 3   VAL A C   1 
ATOM   20 O  O   . VAL A 1 3 ? -0.769 -2.819 -1.670 1.00 1.80  ? 3   VAL A O   1 
ATOM   21 C  CB  . VAL A 1 3 ? -2.366 -1.659 0.632  1.00 2.61  ? 3   VAL A CB  1 
ATOM   22 C  CG1 . VAL A 1 3 ? -2.817 -3.006 1.238  1.00 3.61  ? 3   VAL A CG1 1 
ATOM   23 C  CG2 . VAL A 1 3 ? -2.808 -0.475 1.501  1.00 3.05  ? 3   VAL A CG2 1 
ATOM   24 N  N   . GLY A 1 4 ? 0.231  -3.819 0.086  1.00 3.85  ? 4   GLY A N   1 
ATOM   25 C  CA  . GLY A 1 4 ? 0.639  -4.973 -0.699 1.00 5.65  ? 4   GLY A CA  1 
ATOM   26 C  C   . GLY A 1 4 ? 0.616  -6.235 0.130  1.00 7.85  ? 4   GLY A C   1 
ATOM   27 O  O   . GLY A 1 4 ? 0.524  -6.146 1.346  1.00 11.13 ? 4   GLY A O   1 
ATOM   28 O  OXT . GLY A 1 4 ? 0.679  -7.357 -0.367 1.00 9.12  ? 4   GLY A OXT 1 
HETATM 29 NA NA  . NA  B 2 . ? 3.240  6.184  1.307  1.00 35.01 ? 101 NA  A NA  1 
HETATM 30 O  O   . HOH C 3 . ? -1.516 -5.927 2.607  1.00 59.75 ? 201 HOH A O   1 
HETATM 31 O  O   . HOH C 3 . ? 2.913  6.423  -1.036 1.00 32.69 ? 202 HOH A O   1 
# 
loop_
_pdbx_poly_seq_scheme.asym_id 
_pdbx_poly_seq_scheme.entity_id 
_pdbx_poly_seq_scheme.seq_id 
_pdbx_poly_seq_scheme.mon_id 
_pdbx_poly_seq_scheme.ndb_seq_num 
_pdbx_poly_seq_scheme.pdb_seq_num 
_pdbx_poly_seq_scheme.auth_seq_num 
_pdbx_poly_seq_scheme.pdb_mon_id 
_pdbx_poly_seq_scheme.auth_mon_id 
_pdbx_poly_seq_scheme.pdb_strand_id 
_pdbx_poly_seq_scheme.pdb_ins_code 
_pdbx_poly_seq_scheme.hetero 
A 1 1 VAL 1 1 1 VAL VAL A . n 
A 1 2 GLN 2 2 2 GLN GLN A . n 
A 1 3 VAL 3 3 3 VAL VAL A . n 
A 1 4 GLY 4 4 4 GLY GLY A . n 
# 
loop_
_pdbx_nonpoly_scheme.asym_id 
_pdbx_nonpoly_scheme.entity_id 
_pdbx_nonpoly_scheme.mon_id 
_pdbx_nonpoly_scheme.ndb_seq_num 
_pdbx_nonpoly_scheme.pdb_seq_num 
_pdbx_nonpoly_scheme.auth_seq_num 
_pdbx_nonpoly_scheme.pdb_mon_id 
_pdbx_nonpoly_scheme.auth_mon_id 
_pdbx_nonpoly_scheme.pdb_strand_id 
_pdbx_nonpoly_scheme.pdb_ins_code 
B 2 NA  1 101 1 NA  NA  A . 
C 3 HOH 1 201 3 HOH HOH A . 
C 3 HOH 2 202 1 HOH HOH A . 
# 
_pdbx_struct_assembly.id                   1 
_pdbx_struct_assembly.details              author_defined_assembly 
_pdbx_struct_assembly.method_details       ? 
_pdbx_struct_assembly.oligomeric_details   monomeric 
_pdbx_struct_assembly.oligomeric_count     1 
# 
_pdbx_struct_assembly_gen.assembly_id       1 
_pdbx_struct_assembly_gen.oper_expression   1 
_pdbx_struct_assembly_gen.asym_id_list      A,B,C 
# 
loop_
_pdbx_struct_assembly_prop.biol_id 
_pdbx_struct_assembly_prop.type 
_pdbx_struct_assembly_prop.value 
_pdbx_struct_assembly_prop.details 
1 'ABSA (A^2)' 60  ? 
1 MORE         -3  ? 
1 'SSA (A^2)'  720 ? 
# 
_pdbx_struct_oper_list.id                   1 
_pdbx_struct_oper_list.type                 'identity operation' 
_pdbx_struct_oper_list.name                 1_555 
_pdbx_struct_oper_list.symmetry_operation   x,y,z 
_pdbx_struct_oper_list.matrix[1][1]         1.0000000000 
_pdbx_struct_oper_list.matrix[1][2]         0.0000000000 
_pdbx_struct_oper_list.matrix[1][3]         0.0000000000 
_pdbx_struct_oper_list.vector[1]            0.0000000000 
_pdbx_struct_oper_list.matrix[2][1]         0.0000000000 
_pdbx_struct_oper_list.matrix[2][2]         1.0000000000 
_pdbx_struct_oper_list.matrix[2][3]         0.0000000000 
_pdbx_struct_oper_list.vector[2]            0.0000000000 
_pdbx_struct_oper_list.matrix[3][1]         0.0000000000 
_pdbx_struct_oper_list.matrix[3][2]         0.0000000000 
_pdbx_struct_oper_list.matrix[3][3]         1.0000000000 
_pdbx_struct_oper_list.vector[3]            0.0000000000 
# 
loop_
_pdbx_struct_conn_angle.id 
_pdbx_struct_conn_angle.ptnr1_label_atom_id 
_pdbx_struct_conn_angle.ptnr1_label_alt_id 
_pdbx_struct_conn_angle.ptnr1_label_asym_id 
_pdbx_struct_conn_angle.ptnr1_label_comp_id 
_pdbx_struct_conn_angle.ptnr1_label_seq_id 
_pdbx_struct_conn_angle.ptnr1_auth_atom_id 
_pdbx_struct_conn_angle.ptnr1_auth_asym_id 
_pdbx_struct_conn_angle.ptnr1_auth_comp_id 
_pdbx_struct_conn_angle.ptnr1_auth_seq_id 
_pdbx_struct_conn_angle.ptnr1_PDB_ins_code 
_pdbx_struct_conn_angle.ptnr1_symmetry 
_pdbx_struct_conn_angle.ptnr2_label_atom_id 
_pdbx_struct_conn_angle.ptnr2_label_alt_id 
_pdbx_struct_conn_angle.ptnr2_label_asym_id 
_pdbx_struct_conn_angle.ptnr2_label_comp_id 
_pdbx_struct_conn_angle.ptnr2_label_seq_id 
_pdbx_struct_conn_angle.ptnr2_auth_atom_id 
_pdbx_struct_conn_angle.ptnr2_auth_asym_id 
_pdbx_struct_conn_angle.ptnr2_auth_comp_id 
_pdbx_struct_conn_angle.ptnr2_auth_seq_id 
_pdbx_struct_conn_angle.ptnr2_PDB_ins_code 
_pdbx_struct_conn_angle.ptnr2_symmetry 
_pdbx_struct_conn_angle.ptnr3_label_atom_id 
_pdbx_struct_conn_angle.ptnr3_label_alt_id 
_pdbx_struct_conn_angle.ptnr3_label_asym_id 
_pdbx_struct_conn_angle.ptnr3_label_comp_id 
_pdbx_struct_conn_angle.ptnr3_label_seq_id 
_pdbx_struct_conn_angle.ptnr3_auth_atom_id 
_pdbx_struct_conn_angle.ptnr3_auth_asym_id 
_pdbx_struct_conn_angle.ptnr3_auth_comp_id 
_pdbx_struct_conn_angle.ptnr3_auth_seq_id 
_pdbx_struct_conn_angle.ptnr3_PDB_ins_code 
_pdbx_struct_conn_angle.ptnr3_symmetry 
_pdbx_struct_conn_angle.value 
_pdbx_struct_conn_angle.value_esd 
1 O ? C HOH . ? A HOH 201 ? 2_555 NA ? B NA . ? A NA 101 ? 1_555 O ? C HOH . ? A HOH 202 ? 1_555 57.4  ? 
2 O ? C HOH . ? A HOH 201 ? 2_555 NA ? B NA . ? A NA 101 ? 1_555 O ? C HOH . ? A HOH 202 ? 1_455 120.6 ? 
3 O ? C HOH . ? A HOH 202 ? 1_555 NA ? B NA . ? A NA 101 ? 1_555 O ? C HOH . ? A HOH 202 ? 1_455 151.6 ? 
# 
loop_
_pdbx_audit_revision_history.ordinal 
_pdbx_audit_revision_history.data_content_type 
_pdbx_audit_revision_history.major_revision 
_pdbx_audit_revision_history.minor_revision 
_pdbx_audit_revision_history.revision_date 
1 'Structure model' 1 0 2018-04-18 
2 'Structure model' 1 1 2018-05-23 
3 'Structure model' 1 2 2018-05-30 
4 'Structure model' 1 3 2023-11-22 
# 
_pdbx_audit_revision_details.ordinal             1 
_pdbx_audit_revision_details.revision_ordinal    1 
_pdbx_audit_revision_details.data_content_type   'Structure model' 
_pdbx_audit_revision_details.provider            repository 
_pdbx_audit_revision_details.type                'Initial release' 
_pdbx_audit_revision_details.description         ? 
_pdbx_audit_revision_details.details             ? 
# 
loop_
_pdbx_audit_revision_group.ordinal 
_pdbx_audit_revision_group.revision_ordinal 
_pdbx_audit_revision_group.data_content_type 
_pdbx_audit_revision_group.group 
1 2 'Structure model' 'Data collection'        
2 2 'Structure model' 'Database references'    
3 3 'Structure model' 'Data collection'        
4 3 'Structure model' 'Database references'    
5 4 'Structure model' 'Data collection'        
6 4 'Structure model' 'Database references'    
7 4 'Structure model' 'Derived calculations'   
8 4 'Structure model' 'Refinement description' 
# 
loop_
_pdbx_audit_revision_category.ordinal 
_pdbx_audit_revision_category.revision_ordinal 
_pdbx_audit_revision_category.data_content_type 
_pdbx_audit_revision_category.category 
1  2 'Structure model' citation                      
2  2 'Structure model' citation_author               
3  2 'Structure model' diffrn_detector               
4  2 'Structure model' diffrn_source                 
5  3 'Structure model' citation                      
6  4 'Structure model' chem_comp_atom                
7  4 'Structure model' chem_comp_bond                
8  4 'Structure model' database_2                    
9  4 'Structure model' pdbx_initial_refinement_model 
10 4 'Structure model' pdbx_struct_conn_angle        
11 4 'Structure model' struct_conn                   
# 
loop_
_pdbx_audit_revision_item.ordinal 
_pdbx_audit_revision_item.revision_ordinal 
_pdbx_audit_revision_item.data_content_type 
_pdbx_audit_revision_item.item 
1  2 'Structure model' '_citation.journal_abbrev'                  
2  2 'Structure model' '_citation.journal_id_CSD'                  
3  2 'Structure model' '_citation.journal_id_ISSN'                 
4  2 'Structure model' '_citation.pdbx_database_id_DOI'            
5  2 'Structure model' '_citation.pdbx_database_id_PubMed'         
6  2 'Structure model' '_citation.title'                           
7  2 'Structure model' '_citation.year'                            
8  2 'Structure model' '_diffrn_detector.detector'                 
9  2 'Structure model' '_diffrn_detector.pdbx_collection_date'     
10 2 'Structure model' '_diffrn_detector.type'                     
11 2 'Structure model' '_diffrn_source.pdbx_synchrotron_beamline'  
12 2 'Structure model' '_diffrn_source.type'                       
13 3 'Structure model' '_citation.journal_volume'                  
14 3 'Structure model' '_citation.page_first'                      
15 3 'Structure model' '_citation.page_last'                       
16 4 'Structure model' '_database_2.pdbx_DOI'                      
17 4 'Structure model' '_database_2.pdbx_database_accession'       
18 4 'Structure model' '_pdbx_struct_conn_angle.ptnr1_auth_seq_id' 
19 4 'Structure model' '_pdbx_struct_conn_angle.ptnr1_symmetry'    
20 4 'Structure model' '_pdbx_struct_conn_angle.ptnr3_auth_seq_id' 
21 4 'Structure model' '_pdbx_struct_conn_angle.ptnr3_symmetry'    
22 4 'Structure model' '_pdbx_struct_conn_angle.value'             
23 4 'Structure model' '_struct_conn.pdbx_dist_value'              
24 4 'Structure model' '_struct_conn.ptnr2_auth_seq_id'            
25 4 'Structure model' '_struct_conn.ptnr2_symmetry'               
# 
loop_
_software.citation_id 
_software.classification 
_software.compiler_name 
_software.compiler_version 
_software.contact_author 
_software.contact_author_email 
_software.date 
_software.description 
_software.dependencies 
_software.hardware 
_software.language 
_software.location 
_software.mods 
_software.name 
_software.os 
_software.os_version 
_software.type 
_software.version 
_software.pdbx_ordinal 
? refinement       ? ? ? ? ? ? ? ? ? ? ? PHENIX   ? ? ? 1.9_1692 1 
? 'data reduction' ? ? ? ? ? ? ? ? ? ? ? DENZO    ? ? ? .        2 
? 'data scaling'   ? ? ? ? ? ? ? ? ? ? ? HKL-2000 ? ? ? .        3 
? phasing          ? ? ? ? ? ? ? ? ? ? ? PHENIX   ? ? ? .        4 
# 
loop_
_chem_comp_atom.comp_id 
_chem_comp_atom.atom_id 
_chem_comp_atom.type_symbol 
_chem_comp_atom.pdbx_aromatic_flag 
_chem_comp_atom.pdbx_stereo_config 
_chem_comp_atom.pdbx_ordinal 
GLN N    N  N N 1  
GLN CA   C  N S 2  
GLN C    C  N N 3  
GLN O    O  N N 4  
GLN CB   C  N N 5  
GLN CG   C  N N 6  
GLN CD   C  N N 7  
GLN OE1  O  N N 8  
GLN NE2  N  N N 9  
GLN OXT  O  N N 10 
GLN H    H  N N 11 
GLN H2   H  N N 12 
GLN HA   H  N N 13 
GLN HB2  H  N N 14 
GLN HB3  H  N N 15 
GLN HG2  H  N N 16 
GLN HG3  H  N N 17 
GLN HE21 H  N N 18 
GLN HE22 H  N N 19 
GLN HXT  H  N N 20 
GLY N    N  N N 21 
GLY CA   C  N N 22 
GLY C    C  N N 23 
GLY O    O  N N 24 
GLY OXT  O  N N 25 
GLY H    H  N N 26 
GLY H2   H  N N 27 
GLY HA2  H  N N 28 
GLY HA3  H  N N 29 
GLY HXT  H  N N 30 
HOH O    O  N N 31 
HOH H1   H  N N 32 
HOH H2   H  N N 33 
NA  NA   NA N N 34 
VAL N    N  N N 35 
VAL CA   C  N S 36 
VAL C    C  N N 37 
VAL O    O  N N 38 
VAL CB   C  N N 39 
VAL CG1  C  N N 40 
VAL CG2  C  N N 41 
VAL OXT  O  N N 42 
VAL H    H  N N 43 
VAL H2   H  N N 44 
VAL HA   H  N N 45 
VAL HB   H  N N 46 
VAL HG11 H  N N 47 
VAL HG12 H  N N 48 
VAL HG13 H  N N 49 
VAL HG21 H  N N 50 
VAL HG22 H  N N 51 
VAL HG23 H  N N 52 
VAL HXT  H  N N 53 
# 
loop_
_chem_comp_bond.comp_id 
_chem_comp_bond.atom_id_1 
_chem_comp_bond.atom_id_2 
_chem_comp_bond.value_order 
_chem_comp_bond.pdbx_aromatic_flag 
_chem_comp_bond.pdbx_stereo_config 
_chem_comp_bond.pdbx_ordinal 
GLN N   CA   sing N N 1  
GLN N   H    sing N N 2  
GLN N   H2   sing N N 3  
GLN CA  C    sing N N 4  
GLN CA  CB   sing N N 5  
GLN CA  HA   sing N N 6  
GLN C   O    doub N N 7  
GLN C   OXT  sing N N 8  
GLN CB  CG   sing N N 9  
GLN CB  HB2  sing N N 10 
GLN CB  HB3  sing N N 11 
GLN CG  CD   sing N N 12 
GLN CG  HG2  sing N N 13 
GLN CG  HG3  sing N N 14 
GLN CD  OE1  doub N N 15 
GLN CD  NE2  sing N N 16 
GLN NE2 HE21 sing N N 17 
GLN NE2 HE22 sing N N 18 
GLN OXT HXT  sing N N 19 
GLY N   CA   sing N N 20 
GLY N   H    sing N N 21 
GLY N   H2   sing N N 22 
GLY CA  C    sing N N 23 
GLY CA  HA2  sing N N 24 
GLY CA  HA3  sing N N 25 
GLY C   O    doub N N 26 
GLY C   OXT  sing N N 27 
GLY OXT HXT  sing N N 28 
HOH O   H1   sing N N 29 
HOH O   H2   sing N N 30 
VAL N   CA   sing N N 31 
VAL N   H    sing N N 32 
VAL N   H2   sing N N 33 
VAL CA  C    sing N N 34 
VAL CA  CB   sing N N 35 
VAL CA  HA   sing N N 36 
VAL C   O    doub N N 37 
VAL C   OXT  sing N N 38 
VAL CB  CG1  sing N N 39 
VAL CB  CG2  sing N N 40 
VAL CB  HB   sing N N 41 
VAL CG1 HG11 sing N N 42 
VAL CG1 HG12 sing N N 43 
VAL CG1 HG13 sing N N 44 
VAL CG2 HG21 sing N N 45 
VAL CG2 HG22 sing N N 46 
VAL CG2 HG23 sing N N 47 
VAL OXT HXT  sing N N 48 
# 
_pdbx_audit_support.funding_organization   'Natural Science Foundation of China' 
_pdbx_audit_support.country                China 
_pdbx_audit_support.grant_number           31470724 
_pdbx_audit_support.ordinal                1 
# 
_pdbx_entity_instance_feature.ordinal        1 
_pdbx_entity_instance_feature.comp_id        NA 
_pdbx_entity_instance_feature.asym_id        ? 
_pdbx_entity_instance_feature.seq_num        ? 
_pdbx_entity_instance_feature.auth_comp_id   NA 
_pdbx_entity_instance_feature.auth_asym_id   ? 
_pdbx_entity_instance_feature.auth_seq_num   ? 
_pdbx_entity_instance_feature.feature_type   'SUBJECT OF INVESTIGATION' 
_pdbx_entity_instance_feature.details        ? 
# 
loop_
_pdbx_entity_nonpoly.entity_id 
_pdbx_entity_nonpoly.name 
_pdbx_entity_nonpoly.comp_id 
2 'SODIUM ION' NA  
3 water        HOH 
# 
_pdbx_initial_refinement_model.id               1 
_pdbx_initial_refinement_model.entity_id_list   ? 
_pdbx_initial_refinement_model.type             'experimental model' 
_pdbx_initial_refinement_model.source_name      PDB 
_pdbx_initial_refinement_model.accession_code   2ON9 
_pdbx_initial_refinement_model.details          ? 
# 
_pdbx_struct_assembly_auth_evidence.id                     1 
_pdbx_struct_assembly_auth_evidence.assembly_id            1 
_pdbx_struct_assembly_auth_evidence.experimental_support   'mass spectrometry' 
_pdbx_struct_assembly_auth_evidence.details                ? 
# 
